data_9MJ3
#
_entry.id   9MJ3
#
_cell.length_a   53.687
_cell.length_b   72.364
_cell.length_c   218.618
_cell.angle_alpha   90.00
_cell.angle_beta   90.00
_cell.angle_gamma   90.00
#
_symmetry.space_group_name_H-M   'P 21 21 21'
#
loop_
_entity.id
_entity.type
_entity.pdbx_description
1 polymer '12A01 Fab heavy chain'
2 polymer '12A01 Fab light chain'
3 polymer 'eOD-GT8 engineered mutant of gp120'
4 non-polymer 2-acetamido-2-deoxy-beta-D-glucopyranose
5 water water
#
loop_
_entity_poly.entity_id
_entity_poly.type
_entity_poly.pdbx_seq_one_letter_code
_entity_poly.pdbx_strand_id
1 'polypeptide(L)'
;QVQLVQSGAEVKQPGASVKVSCKASGYTFSDHFMHWVRQAPGQGLEWMGWINPKSGGPNYAQKFQGRVTMTRDRSISTAY
MELRGLRSDDTAIYYCARPMHDYDDHDWYFDLWGRGTLVTVSSASTKGPSVFPLAPSSKSTSGGTAALGCLVKDYFPEPV
TVSWNSGALTSGVHTFPAVLQSSGLYSLSSVVTVPSSSLGTQTYICNVNHKPSNTKVDKRVEPKSC
;
H
2 'polypeptide(L)'
;VSVLTQSPGTLSLSPGERATLSCRASQTVGSSYLAWYQQKPGQAPRLLIYGASSRATGIPDRFSGSGSGTDFTLTISRLE
PEDFAVYYCQQYEAFGQGTKVEIKRTVAAPSVFIFPPSDEQLKSGTASVVCLLNNFYPREAKVQWKVDNALQSGNSQESV
TEQDSKDSTYSLSSTLTLSKADYEKHKVYACEVTQGTTSVTKSFNRGEC
;
L
3 'polypeptide(L)'
;DTITLPCRPAPPPHCSSNITGLILTRQGGYSNANTVIFRPSGGDWRDIARCQIAGTVVSTQLFLNGSLAEEEVVIRSEDW
RDNAKSICVQLATSVEIACTGAGHCAISRAKWANTLKQIASKLREQYGAKTIIFKPSSGGDPEFVNHSFNCGGEFFYCAS
TQLFASTWFASTGTGTKHHHHHH
;
C
#
# COMPACT_ATOMS: atom_id res chain seq x y z
N VAL A 2 -13.45 -1.49 -17.82
CA VAL A 2 -12.84 -2.26 -16.74
C VAL A 2 -11.99 -1.35 -15.86
N GLN A 3 -12.52 -0.99 -14.70
CA GLN A 3 -11.86 -0.03 -13.82
C GLN A 3 -12.32 -0.26 -12.39
N LEU A 4 -11.53 0.28 -11.46
CA LEU A 4 -11.88 0.35 -10.05
C LEU A 4 -11.79 1.80 -9.61
N VAL A 5 -12.91 2.36 -9.16
CA VAL A 5 -13.01 3.76 -8.79
C VAL A 5 -13.08 3.86 -7.28
N GLN A 6 -12.10 4.53 -6.68
CA GLN A 6 -12.01 4.63 -5.24
C GLN A 6 -12.48 5.99 -4.75
N SER A 7 -12.87 6.03 -3.47
CA SER A 7 -13.36 7.26 -2.87
C SER A 7 -12.22 8.26 -2.65
N GLY A 8 -12.60 9.48 -2.29
CA GLY A 8 -11.64 10.56 -2.19
C GLY A 8 -10.74 10.45 -0.98
N ALA A 9 -9.72 11.31 -0.96
CA ALA A 9 -8.72 11.29 0.10
C ALA A 9 -9.36 11.65 1.45
N GLU A 10 -8.77 11.12 2.52
CA GLU A 10 -9.29 11.29 3.87
C GLU A 10 -8.21 11.83 4.78
N VAL A 11 -8.64 12.64 5.75
CA VAL A 11 -7.78 13.17 6.80
C VAL A 11 -8.37 12.77 8.14
N LYS A 12 -7.55 12.20 9.02
CA LYS A 12 -8.04 11.68 10.29
C LYS A 12 -7.06 12.00 11.41
N GLN A 13 -7.61 12.16 12.61
CA GLN A 13 -6.83 12.28 13.83
C GLN A 13 -6.42 10.89 14.32
N PRO A 14 -5.36 10.81 15.11
CA PRO A 14 -4.98 9.52 15.70
C PRO A 14 -6.08 8.96 16.59
N GLY A 15 -6.24 7.64 16.54
CA GLY A 15 -7.28 6.96 17.28
C GLY A 15 -8.62 6.85 16.56
N ALA A 16 -8.79 7.57 15.45
CA ALA A 16 -10.05 7.57 14.72
C ALA A 16 -10.08 6.38 13.75
N SER A 17 -11.11 6.34 12.90
CA SER A 17 -11.26 5.29 11.90
C SER A 17 -11.57 5.93 10.56
N VAL A 18 -11.31 5.17 9.49
CA VAL A 18 -11.55 5.63 8.13
C VAL A 18 -12.18 4.49 7.33
N LYS A 19 -13.10 4.83 6.44
CA LYS A 19 -13.75 3.87 5.56
C LYS A 19 -13.55 4.29 4.12
N VAL A 20 -13.01 3.38 3.30
CA VAL A 20 -12.66 3.64 1.92
C VAL A 20 -13.46 2.70 1.03
N SER A 21 -14.05 3.25 -0.03
CA SER A 21 -14.87 2.47 -0.95
C SER A 21 -14.12 2.21 -2.26
N CYS A 22 -14.62 1.22 -3.00
CA CYS A 22 -13.99 0.77 -4.24
C CYS A 22 -15.08 0.21 -5.14
N LYS A 23 -15.51 0.99 -6.12
CA LYS A 23 -16.60 0.59 -7.00
C LYS A 23 -16.02 -0.03 -8.28
N ALA A 24 -16.46 -1.25 -8.58
CA ALA A 24 -16.02 -1.97 -9.76
C ALA A 24 -17.02 -1.84 -10.89
N SER A 25 -16.50 -1.81 -12.12
CA SER A 25 -17.34 -1.76 -13.31
C SER A 25 -16.59 -2.36 -14.47
N GLY A 26 -17.34 -2.82 -15.47
CA GLY A 26 -16.76 -3.45 -16.65
C GLY A 26 -16.45 -4.92 -16.51
N TYR A 27 -16.75 -5.54 -15.36
CA TYR A 27 -16.53 -6.95 -15.16
C TYR A 27 -17.49 -7.43 -14.07
N THR A 28 -17.62 -8.75 -13.96
CA THR A 28 -18.50 -9.34 -12.97
C THR A 28 -17.84 -9.25 -11.60
N PHE A 29 -18.38 -8.36 -10.75
CA PHE A 29 -17.77 -8.09 -9.45
C PHE A 29 -17.71 -9.34 -8.58
N SER A 30 -18.73 -10.19 -8.67
CA SER A 30 -18.82 -11.36 -7.80
C SER A 30 -17.89 -12.49 -8.20
N ASP A 31 -17.29 -12.44 -9.39
CA ASP A 31 -16.46 -13.54 -9.88
C ASP A 31 -14.99 -13.37 -9.53
N HIS A 32 -14.63 -12.33 -8.77
CA HIS A 32 -13.25 -12.12 -8.36
C HIS A 32 -13.21 -11.71 -6.90
N PHE A 33 -12.21 -12.20 -6.18
CA PHE A 33 -11.92 -11.65 -4.86
C PHE A 33 -11.46 -10.20 -5.02
N MET A 34 -11.74 -9.40 -3.99
CA MET A 34 -11.21 -8.04 -3.93
C MET A 34 -10.19 -7.99 -2.81
N HIS A 35 -8.98 -7.56 -3.15
CA HIS A 35 -7.88 -7.42 -2.19
C HIS A 35 -7.66 -5.95 -1.90
N TRP A 36 -6.90 -5.69 -0.83
CA TRP A 36 -6.52 -4.34 -0.45
C TRP A 36 -5.03 -4.31 -0.18
N VAL A 37 -4.33 -3.35 -0.79
CA VAL A 37 -2.89 -3.18 -0.66
C VAL A 37 -2.63 -1.71 -0.36
N ARG A 38 -1.81 -1.43 0.64
CA ARG A 38 -1.47 -0.06 1.00
C ARG A 38 0.01 0.19 0.79
N GLN A 39 0.36 1.47 0.69
CA GLN A 39 1.74 1.88 0.43
C GLN A 39 1.99 3.20 1.15
N ALA A 40 2.83 3.15 2.17
CA ALA A 40 3.25 4.37 2.85
C ALA A 40 4.13 5.20 1.92
N PRO A 41 4.21 6.51 2.14
CA PRO A 41 5.04 7.37 1.28
C PRO A 41 6.48 6.88 1.23
N GLY A 42 6.94 6.53 0.03
CA GLY A 42 8.30 6.09 -0.17
C GLY A 42 8.61 4.66 0.22
N GLN A 43 7.61 3.91 0.69
CA GLN A 43 7.79 2.51 1.06
C GLN A 43 7.23 1.60 -0.03
N GLY A 44 7.25 0.30 0.24
CA GLY A 44 6.77 -0.70 -0.68
C GLY A 44 5.29 -0.99 -0.50
N LEU A 45 4.86 -2.09 -1.12
CA LEU A 45 3.47 -2.52 -1.07
C LEU A 45 3.25 -3.47 0.11
N GLU A 46 2.10 -3.34 0.76
CA GLU A 46 1.76 -4.17 1.90
C GLU A 46 0.33 -4.67 1.75
N TRP A 47 0.18 -5.99 1.65
CA TRP A 47 -1.12 -6.61 1.54
C TRP A 47 -1.86 -6.56 2.88
N MET A 48 -3.14 -6.20 2.82
CA MET A 48 -3.98 -6.06 4.01
C MET A 48 -5.00 -7.17 4.18
N GLY A 49 -5.44 -7.80 3.11
CA GLY A 49 -6.46 -8.83 3.20
C GLY A 49 -7.22 -8.94 1.90
N TRP A 50 -8.15 -9.90 1.87
CA TRP A 50 -9.11 -10.01 0.78
C TRP A 50 -10.50 -10.26 1.35
N ILE A 51 -11.49 -10.19 0.47
CA ILE A 51 -12.87 -10.51 0.82
C ILE A 51 -13.49 -11.30 -0.31
N ASN A 52 -14.26 -12.33 0.04
CA ASN A 52 -15.06 -13.07 -0.92
C ASN A 52 -16.35 -12.29 -1.19
N PRO A 53 -16.58 -11.83 -2.42
CA PRO A 53 -17.78 -11.01 -2.67
C PRO A 53 -19.08 -11.79 -2.63
N LYS A 54 -19.04 -13.12 -2.82
CA LYS A 54 -20.26 -13.91 -2.75
C LYS A 54 -20.79 -14.01 -1.33
N SER A 55 -19.89 -14.31 -0.38
CA SER A 55 -20.26 -14.58 1.00
C SER A 55 -20.00 -13.41 1.94
N GLY A 56 -19.13 -12.48 1.56
CA GLY A 56 -18.66 -11.44 2.46
C GLY A 56 -17.58 -11.87 3.41
N GLY A 57 -17.11 -13.12 3.33
CA GLY A 57 -16.10 -13.63 4.23
C GLY A 57 -14.72 -13.13 3.89
N PRO A 58 -14.10 -12.39 4.81
CA PRO A 58 -12.76 -11.86 4.55
C PRO A 58 -11.65 -12.72 5.13
N ASN A 59 -10.41 -12.40 4.79
CA ASN A 59 -9.23 -12.97 5.41
C ASN A 59 -8.19 -11.87 5.51
N TYR A 60 -7.93 -11.41 6.72
CA TYR A 60 -7.06 -10.26 6.95
C TYR A 60 -5.63 -10.71 7.18
N ALA A 61 -4.69 -9.83 6.85
CA ALA A 61 -3.31 -10.02 7.28
C ALA A 61 -3.22 -9.95 8.80
N GLN A 62 -2.33 -10.77 9.37
CA GLN A 62 -2.18 -10.83 10.81
C GLN A 62 -1.90 -9.45 11.40
N LYS A 63 -1.17 -8.60 10.67
CA LYS A 63 -0.80 -7.29 11.18
C LYS A 63 -2.02 -6.44 11.49
N PHE A 64 -3.06 -6.52 10.64
CA PHE A 64 -4.24 -5.68 10.77
C PHE A 64 -5.43 -6.39 11.42
N GLN A 65 -5.27 -7.65 11.81
CA GLN A 65 -6.38 -8.38 12.41
C GLN A 65 -6.84 -7.69 13.70
N GLY A 66 -8.12 -7.34 13.75
CA GLY A 66 -8.70 -6.61 14.86
C GLY A 66 -8.95 -5.15 14.57
N ARG A 67 -8.18 -4.54 13.66
CA ARG A 67 -8.36 -3.14 13.32
C ARG A 67 -9.06 -2.92 11.98
N VAL A 68 -9.10 -3.92 11.11
CA VAL A 68 -9.60 -3.76 9.75
C VAL A 68 -10.91 -4.54 9.61
N THR A 69 -11.83 -3.97 8.83
CA THR A 69 -13.09 -4.63 8.50
C THR A 69 -13.37 -4.41 7.03
N MET A 70 -13.48 -5.50 6.28
CA MET A 70 -13.76 -5.44 4.85
C MET A 70 -15.17 -5.94 4.59
N THR A 71 -15.96 -5.14 3.89
CA THR A 71 -17.34 -5.48 3.54
C THR A 71 -17.55 -5.22 2.05
N ARG A 72 -18.73 -5.56 1.56
CA ARG A 72 -19.05 -5.31 0.15
C ARG A 72 -20.56 -5.19 0.00
N ASP A 73 -20.96 -4.63 -1.12
CA ASP A 73 -22.38 -4.47 -1.47
C ASP A 73 -22.52 -4.86 -2.94
N ARG A 74 -23.01 -6.08 -3.20
CA ARG A 74 -23.08 -6.58 -4.57
C ARG A 74 -24.05 -5.78 -5.42
N SER A 75 -25.05 -5.14 -4.81
CA SER A 75 -26.04 -4.39 -5.59
C SER A 75 -25.40 -3.21 -6.32
N ILE A 76 -24.30 -2.67 -5.79
CA ILE A 76 -23.60 -1.56 -6.42
C ILE A 76 -22.16 -1.94 -6.77
N SER A 77 -21.80 -3.21 -6.65
CA SER A 77 -20.48 -3.71 -7.04
C SER A 77 -19.36 -2.93 -6.35
N THR A 78 -19.53 -2.65 -5.07
CA THR A 78 -18.60 -1.83 -4.31
C THR A 78 -18.08 -2.59 -3.11
N ALA A 79 -16.76 -2.57 -2.92
CA ALA A 79 -16.11 -3.13 -1.75
C ALA A 79 -15.66 -2.01 -0.84
N TYR A 80 -15.68 -2.25 0.47
CA TYR A 80 -15.31 -1.27 1.47
C TYR A 80 -14.21 -1.82 2.36
N MET A 81 -13.31 -0.92 2.78
CA MET A 81 -12.26 -1.24 3.73
C MET A 81 -12.30 -0.20 4.84
N GLU A 82 -12.44 -0.65 6.08
CA GLU A 82 -12.46 0.23 7.24
C GLU A 82 -11.30 -0.12 8.16
N LEU A 83 -10.52 0.89 8.53
CA LEU A 83 -9.38 0.72 9.43
C LEU A 83 -9.59 1.60 10.65
N ARG A 84 -9.54 0.98 11.83
CA ARG A 84 -9.79 1.66 13.11
C ARG A 84 -8.49 1.78 13.90
N GLY A 85 -8.55 2.59 14.95
CA GLY A 85 -7.38 2.81 15.79
C GLY A 85 -6.22 3.44 15.05
N LEU A 86 -6.50 4.44 14.22
CA LEU A 86 -5.51 4.94 13.28
C LEU A 86 -4.29 5.52 13.99
N ARG A 87 -3.12 5.15 13.52
CA ARG A 87 -1.85 5.68 13.98
C ARG A 87 -1.22 6.54 12.89
N SER A 88 -0.20 7.32 13.26
CA SER A 88 0.45 8.17 12.28
C SER A 88 1.07 7.36 11.16
N ASP A 89 1.61 6.17 11.46
CA ASP A 89 2.21 5.33 10.45
C ASP A 89 1.17 4.54 9.64
N ASP A 90 -0.12 4.83 9.82
CA ASP A 90 -1.14 4.37 8.90
C ASP A 90 -1.30 5.31 7.70
N THR A 91 -0.59 6.45 7.70
CA THR A 91 -0.59 7.33 6.53
C THR A 91 -0.06 6.57 5.33
N ALA A 92 -0.90 6.41 4.32
CA ALA A 92 -0.53 5.62 3.15
C ALA A 92 -1.54 5.86 2.04
N ILE A 93 -1.19 5.41 0.85
CA ILE A 93 -2.13 5.26 -0.25
C ILE A 93 -2.74 3.88 -0.15
N TYR A 94 -4.06 3.80 -0.11
CA TYR A 94 -4.77 2.53 0.04
C TYR A 94 -5.40 2.16 -1.30
N TYR A 95 -4.99 1.01 -1.83
CA TYR A 95 -5.45 0.51 -3.13
C TYR A 95 -6.39 -0.67 -2.93
N CYS A 96 -7.40 -0.77 -3.79
CA CYS A 96 -8.09 -2.03 -4.00
C CYS A 96 -7.53 -2.67 -5.27
N ALA A 97 -7.36 -3.99 -5.23
CA ALA A 97 -6.78 -4.72 -6.34
C ALA A 97 -7.59 -5.98 -6.60
N ARG A 98 -7.82 -6.28 -7.87
CA ARG A 98 -8.61 -7.43 -8.28
C ARG A 98 -7.73 -8.42 -9.01
N PRO A 99 -7.57 -9.65 -8.52
CA PRO A 99 -6.81 -10.64 -9.27
C PRO A 99 -7.54 -11.06 -10.53
N MET A 100 -6.78 -11.48 -11.52
CA MET A 100 -7.34 -11.94 -12.78
C MET A 100 -7.66 -13.43 -12.69
N HIS A 101 -8.56 -13.87 -13.57
CA HIS A 101 -8.78 -15.30 -13.74
C HIS A 101 -7.50 -15.95 -14.25
N ASP A 102 -7.18 -17.10 -13.68
CA ASP A 102 -5.91 -17.76 -13.96
C ASP A 102 -6.15 -19.23 -14.30
N TYR A 103 -5.34 -19.76 -15.23
CA TYR A 103 -5.48 -21.16 -15.63
C TYR A 103 -5.23 -22.10 -14.46
N ASP A 104 -4.20 -21.82 -13.66
CA ASP A 104 -3.89 -22.61 -12.47
C ASP A 104 -4.74 -22.24 -11.27
N ASP A 105 -5.72 -21.34 -11.44
CA ASP A 105 -6.58 -20.85 -10.37
C ASP A 105 -5.79 -20.14 -9.26
N HIS A 106 -4.62 -19.62 -9.59
CA HIS A 106 -3.81 -18.83 -8.65
C HIS A 106 -4.31 -17.39 -8.74
N ASP A 107 -5.13 -16.98 -7.77
CA ASP A 107 -5.82 -15.69 -7.81
C ASP A 107 -5.07 -14.63 -7.01
N TRP A 108 -3.81 -14.42 -7.37
CA TRP A 108 -3.00 -13.38 -6.74
C TRP A 108 -2.32 -12.46 -7.75
N TYR A 109 -2.65 -12.58 -9.04
CA TYR A 109 -2.07 -11.75 -10.09
C TYR A 109 -2.96 -10.52 -10.28
N PHE A 110 -2.55 -9.40 -9.69
CA PHE A 110 -3.35 -8.18 -9.69
C PHE A 110 -3.10 -7.42 -10.99
N ASP A 111 -3.91 -7.73 -12.01
CA ASP A 111 -3.84 -6.97 -13.25
C ASP A 111 -4.73 -5.74 -13.25
N LEU A 112 -5.63 -5.61 -12.27
CA LEU A 112 -6.52 -4.48 -12.17
C LEU A 112 -6.36 -3.83 -10.80
N TRP A 113 -6.07 -2.53 -10.79
CA TRP A 113 -5.88 -1.78 -9.56
C TRP A 113 -6.74 -0.53 -9.60
N GLY A 114 -7.18 -0.09 -8.42
CA GLY A 114 -7.72 1.24 -8.29
C GLY A 114 -6.60 2.27 -8.30
N ARG A 115 -6.99 3.54 -8.38
CA ARG A 115 -5.99 4.61 -8.39
C ARG A 115 -5.46 4.95 -7.01
N GLY A 116 -6.06 4.39 -5.96
CA GLY A 116 -5.55 4.63 -4.61
C GLY A 116 -6.28 5.76 -3.91
N THR A 117 -6.36 5.64 -2.60
CA THR A 117 -6.99 6.65 -1.75
C THR A 117 -6.00 7.06 -0.68
N LEU A 118 -5.63 8.35 -0.68
CA LEU A 118 -4.71 8.85 0.32
C LEU A 118 -5.43 9.00 1.65
N VAL A 119 -4.84 8.41 2.70
CA VAL A 119 -5.31 8.59 4.06
C VAL A 119 -4.16 9.18 4.86
N THR A 120 -4.36 10.36 5.42
CA THR A 120 -3.37 11.05 6.23
C THR A 120 -3.83 11.02 7.68
N VAL A 121 -3.01 10.44 8.56
CA VAL A 121 -3.30 10.37 9.98
C VAL A 121 -2.29 11.25 10.71
N SER A 122 -2.80 12.29 11.37
CA SER A 122 -1.94 13.23 12.08
C SER A 122 -2.79 14.03 13.06
N SER A 123 -2.13 14.57 14.07
CA SER A 123 -2.80 15.48 15.01
C SER A 123 -3.00 16.87 14.44
N ALA A 124 -2.37 17.19 13.31
CA ALA A 124 -2.53 18.51 12.70
C ALA A 124 -3.93 18.68 12.12
N SER A 125 -4.29 19.93 11.87
CA SER A 125 -5.59 20.26 11.31
C SER A 125 -5.43 20.87 9.92
N THR A 126 -6.45 20.67 9.08
CA THR A 126 -6.43 21.17 7.72
C THR A 126 -6.20 22.68 7.70
N LYS A 127 -5.28 23.12 6.86
CA LYS A 127 -4.91 24.54 6.78
C LYS A 127 -4.42 24.85 5.37
N GLY A 128 -4.92 25.95 4.81
CA GLY A 128 -4.46 26.42 3.53
C GLY A 128 -3.03 26.93 3.59
N PRO A 129 -2.35 26.94 2.45
CA PRO A 129 -0.95 27.36 2.43
C PRO A 129 -0.78 28.87 2.38
N SER A 130 0.36 29.32 2.90
CA SER A 130 0.84 30.68 2.70
C SER A 130 1.86 30.66 1.58
N VAL A 131 1.60 31.43 0.52
CA VAL A 131 2.43 31.42 -0.68
C VAL A 131 3.27 32.70 -0.69
N PHE A 132 4.59 32.54 -0.60
CA PHE A 132 5.52 33.64 -0.62
C PHE A 132 6.36 33.63 -1.90
N PRO A 133 6.72 34.79 -2.42
CA PRO A 133 7.49 34.83 -3.67
C PRO A 133 8.97 34.49 -3.45
N LEU A 134 9.55 33.80 -4.43
CA LEU A 134 10.99 33.60 -4.52
C LEU A 134 11.46 34.55 -5.62
N ALA A 135 11.73 35.80 -5.23
CA ALA A 135 11.93 36.86 -6.21
C ALA A 135 13.26 36.70 -6.93
N PRO A 136 13.30 36.96 -8.24
CA PRO A 136 14.58 36.98 -8.95
C PRO A 136 15.31 38.29 -8.76
N SER A 137 16.63 38.23 -8.88
CA SER A 137 17.48 39.41 -8.72
C SER A 137 18.86 39.18 -9.32
N THR A 141 20.71 36.26 -10.84
CA THR A 141 20.95 36.40 -12.27
C THR A 141 22.27 35.74 -12.67
N SER A 142 22.16 34.57 -13.29
CA SER A 142 23.33 33.83 -13.77
C SER A 142 23.40 33.95 -15.29
N GLY A 143 23.97 35.05 -15.76
CA GLY A 143 24.27 35.25 -17.17
C GLY A 143 23.16 34.95 -18.15
N GLY A 144 22.09 35.74 -18.10
CA GLY A 144 21.01 35.60 -19.04
C GLY A 144 19.92 34.62 -18.66
N THR A 145 20.08 33.90 -17.56
CA THR A 145 19.06 32.99 -17.05
C THR A 145 18.75 33.36 -15.61
N ALA A 146 17.48 33.63 -15.32
CA ALA A 146 17.04 34.01 -13.99
C ALA A 146 16.15 32.92 -13.41
N ALA A 147 16.28 32.71 -12.10
CA ALA A 147 15.46 31.74 -11.39
C ALA A 147 14.47 32.48 -10.50
N LEU A 148 13.22 32.03 -10.52
CA LEU A 148 12.16 32.59 -9.68
C LEU A 148 11.24 31.46 -9.27
N GLY A 149 10.43 31.70 -8.24
CA GLY A 149 9.57 30.64 -7.78
C GLY A 149 8.58 31.10 -6.74
N CYS A 150 7.93 30.11 -6.12
CA CYS A 150 6.96 30.33 -5.06
C CYS A 150 7.21 29.34 -3.93
N LEU A 151 7.27 29.86 -2.71
CA LEU A 151 7.35 29.02 -1.52
C LEU A 151 5.94 28.79 -1.00
N VAL A 152 5.52 27.53 -1.01
CA VAL A 152 4.20 27.12 -0.54
C VAL A 152 4.41 26.53 0.85
N LYS A 153 4.06 27.28 1.89
CA LYS A 153 4.48 26.98 3.25
C LYS A 153 3.27 26.79 4.17
N ASP A 154 3.40 25.84 5.10
CA ASP A 154 2.46 25.65 6.22
C ASP A 154 1.05 25.30 5.74
N TYR A 155 0.95 24.18 5.05
CA TYR A 155 -0.34 23.63 4.66
C TYR A 155 -0.47 22.20 5.15
N PHE A 156 -1.72 21.76 5.30
CA PHE A 156 -1.99 20.39 5.70
C PHE A 156 -3.40 20.03 5.23
N PRO A 157 -3.61 18.83 4.69
CA PRO A 157 -2.60 17.80 4.37
C PRO A 157 -2.11 17.92 2.94
N GLU A 158 -1.40 16.91 2.46
CA GLU A 158 -1.13 16.79 1.04
C GLU A 158 -2.43 16.55 0.29
N PRO A 159 -2.48 16.88 -1.01
CA PRO A 159 -1.45 17.52 -1.82
C PRO A 159 -1.78 18.96 -2.20
N VAL A 160 -0.82 19.67 -2.78
CA VAL A 160 -1.09 20.90 -3.49
C VAL A 160 -0.57 20.73 -4.91
N THR A 161 -1.19 21.44 -5.84
CA THR A 161 -0.75 21.51 -7.22
C THR A 161 -0.26 22.92 -7.51
N VAL A 162 0.79 23.02 -8.31
CA VAL A 162 1.33 24.31 -8.72
C VAL A 162 1.43 24.34 -10.24
N SER A 163 0.91 25.41 -10.84
CA SER A 163 1.14 25.70 -12.24
C SER A 163 1.70 27.12 -12.34
N TRP A 164 2.14 27.49 -13.53
CA TRP A 164 2.70 28.82 -13.76
C TRP A 164 1.99 29.46 -14.94
N ASN A 165 1.50 30.69 -14.74
CA ASN A 165 0.76 31.43 -15.76
C ASN A 165 -0.41 30.61 -16.29
N SER A 166 -1.16 30.00 -15.36
CA SER A 166 -2.34 29.21 -15.68
C SER A 166 -2.02 28.03 -16.59
N GLY A 167 -0.80 27.50 -16.48
CA GLY A 167 -0.37 26.41 -17.31
C GLY A 167 0.32 26.80 -18.60
N ALA A 168 0.34 28.09 -18.93
CA ALA A 168 1.02 28.53 -20.15
C ALA A 168 2.53 28.40 -20.05
N LEU A 169 3.06 28.38 -18.83
CA LEU A 169 4.50 28.26 -18.60
C LEU A 169 4.79 26.89 -17.98
N THR A 170 5.40 26.01 -18.75
CA THR A 170 5.80 24.69 -18.27
C THR A 170 7.28 24.39 -18.48
N SER A 171 7.96 25.06 -19.41
CA SER A 171 9.37 24.79 -19.66
C SER A 171 10.22 25.29 -18.49
N GLY A 172 11.09 24.41 -17.99
CA GLY A 172 11.97 24.76 -16.90
C GLY A 172 11.35 24.78 -15.53
N VAL A 173 10.12 24.30 -15.39
CA VAL A 173 9.43 24.33 -14.10
C VAL A 173 9.83 23.11 -13.29
N HIS A 174 10.24 23.32 -12.05
CA HIS A 174 10.50 22.25 -11.10
C HIS A 174 9.66 22.49 -9.85
N THR A 175 8.72 21.59 -9.59
CA THR A 175 7.94 21.61 -8.36
C THR A 175 8.38 20.44 -7.50
N PHE A 176 8.94 20.77 -6.33
CA PHE A 176 9.62 19.78 -5.51
C PHE A 176 8.62 19.03 -4.62
N PRO A 177 8.98 17.81 -4.19
CA PRO A 177 8.17 17.13 -3.18
C PRO A 177 8.12 17.94 -1.89
N ALA A 178 6.99 17.84 -1.20
CA ALA A 178 6.84 18.55 0.06
C ALA A 178 7.66 17.90 1.16
N VAL A 179 8.17 18.73 2.05
CA VAL A 179 8.79 18.25 3.28
C VAL A 179 7.78 18.43 4.40
N LEU A 180 7.82 17.52 5.37
CA LEU A 180 6.96 17.59 6.55
C LEU A 180 7.75 18.24 7.68
N GLN A 181 7.30 19.41 8.11
CA GLN A 181 7.96 20.14 9.18
C GLN A 181 7.60 19.54 10.53
N SER A 182 8.40 19.89 11.55
CA SER A 182 8.14 19.40 12.90
C SER A 182 6.83 19.95 13.46
N SER A 183 6.30 21.02 12.88
CA SER A 183 5.00 21.54 13.26
C SER A 183 3.85 20.62 12.82
N GLY A 184 4.13 19.62 11.99
CA GLY A 184 3.09 18.81 11.40
C GLY A 184 2.50 19.38 10.12
N LEU A 185 3.01 20.51 9.65
CA LEU A 185 2.54 21.12 8.41
C LEU A 185 3.57 20.89 7.30
N TYR A 186 3.09 20.77 6.08
CA TYR A 186 3.94 20.55 4.91
C TYR A 186 4.40 21.87 4.31
N SER A 187 5.49 21.79 3.55
CA SER A 187 6.03 22.95 2.86
C SER A 187 6.77 22.47 1.62
N LEU A 188 6.49 23.12 0.48
CA LEU A 188 7.21 22.81 -0.76
C LEU A 188 7.51 24.10 -1.49
N SER A 189 8.34 23.98 -2.52
CA SER A 189 8.70 25.11 -3.37
C SER A 189 8.53 24.70 -4.83
N SER A 190 8.14 25.67 -5.65
CA SER A 190 8.06 25.51 -7.09
C SER A 190 8.87 26.63 -7.73
N VAL A 191 9.82 26.25 -8.60
CA VAL A 191 10.70 27.21 -9.24
C VAL A 191 10.62 27.05 -10.74
N VAL A 192 11.15 28.05 -11.44
CA VAL A 192 11.22 28.04 -12.90
C VAL A 192 12.37 28.95 -13.32
N THR A 193 13.10 28.54 -14.35
CA THR A 193 14.15 29.37 -14.93
C THR A 193 13.64 29.97 -16.23
N VAL A 194 13.80 31.29 -16.36
CA VAL A 194 13.30 32.03 -17.52
C VAL A 194 14.43 32.94 -18.00
N PRO A 195 14.35 33.43 -19.24
CA PRO A 195 15.35 34.40 -19.71
C PRO A 195 15.35 35.64 -18.83
N SER A 196 16.56 36.15 -18.54
CA SER A 196 16.69 37.32 -17.68
C SER A 196 16.07 38.56 -18.34
N SER A 197 16.11 38.64 -19.66
CA SER A 197 15.57 39.79 -20.38
C SER A 197 14.05 39.88 -20.31
N SER A 198 13.36 38.81 -19.89
CA SER A 198 11.91 38.82 -19.82
C SER A 198 11.37 39.27 -18.47
N LEU A 199 12.25 39.59 -17.52
CA LEU A 199 11.78 39.94 -16.18
C LEU A 199 11.00 41.25 -16.16
N GLY A 200 11.36 42.20 -17.02
CA GLY A 200 10.69 43.49 -17.01
C GLY A 200 9.38 43.53 -17.77
N THR A 201 9.15 42.59 -18.68
CA THR A 201 7.97 42.61 -19.53
C THR A 201 7.02 41.45 -19.31
N GLN A 202 7.53 40.26 -19.03
CA GLN A 202 6.70 39.08 -18.83
C GLN A 202 6.33 38.93 -17.37
N THR A 203 5.03 38.85 -17.10
CA THR A 203 4.53 38.64 -15.75
C THR A 203 4.52 37.15 -15.42
N TYR A 204 4.89 36.83 -14.18
CA TYR A 204 4.97 35.46 -13.72
C TYR A 204 4.08 35.28 -12.51
N ILE A 205 3.11 34.36 -12.62
CA ILE A 205 2.16 34.08 -11.55
C ILE A 205 2.18 32.58 -11.30
N CYS A 206 2.36 32.17 -10.04
CA CYS A 206 2.23 30.78 -9.66
C CYS A 206 0.82 30.54 -9.15
N ASN A 207 0.20 29.46 -9.63
CA ASN A 207 -1.16 29.09 -9.24
C ASN A 207 -1.06 27.89 -8.31
N VAL A 208 -1.35 28.10 -7.03
CA VAL A 208 -1.26 27.07 -6.02
C VAL A 208 -2.68 26.65 -5.64
N ASN A 209 -3.01 25.39 -5.86
CA ASN A 209 -4.33 24.85 -5.53
C ASN A 209 -4.18 23.84 -4.40
N HIS A 210 -4.84 24.10 -3.29
CA HIS A 210 -4.88 23.19 -2.15
C HIS A 210 -6.33 22.74 -1.98
N LYS A 211 -6.71 21.72 -2.74
CA LYS A 211 -8.08 21.19 -2.67
C LYS A 211 -8.50 20.74 -1.28
N PRO A 212 -7.65 20.10 -0.46
CA PRO A 212 -8.12 19.68 0.87
C PRO A 212 -8.71 20.79 1.71
N SER A 213 -8.23 22.03 1.60
CA SER A 213 -8.81 23.16 2.32
C SER A 213 -9.61 24.07 1.42
N ASN A 214 -9.82 23.69 0.15
CA ASN A 214 -10.57 24.50 -0.82
C ASN A 214 -9.98 25.90 -0.94
N THR A 215 -8.64 25.97 -0.94
CA THR A 215 -7.93 27.24 -1.08
C THR A 215 -7.12 27.23 -2.36
N LYS A 216 -7.27 28.27 -3.16
CA LYS A 216 -6.42 28.50 -4.32
C LYS A 216 -5.78 29.87 -4.18
N VAL A 217 -4.46 29.92 -4.33
CA VAL A 217 -3.69 31.15 -4.19
C VAL A 217 -2.97 31.42 -5.50
N ASP A 218 -3.16 32.61 -6.04
CA ASP A 218 -2.44 33.07 -7.22
C ASP A 218 -1.50 34.18 -6.78
N LYS A 219 -0.19 33.97 -6.99
CA LYS A 219 0.83 34.88 -6.49
C LYS A 219 1.67 35.38 -7.65
N ARG A 220 1.69 36.69 -7.85
CA ARG A 220 2.57 37.30 -8.84
C ARG A 220 3.96 37.46 -8.25
N VAL A 221 4.97 36.97 -8.98
CA VAL A 221 6.36 37.02 -8.53
C VAL A 221 7.06 38.10 -9.33
N GLU A 222 7.40 39.20 -8.67
CA GLU A 222 8.01 40.36 -9.30
C GLU A 222 9.49 40.43 -8.98
N PRO A 223 10.29 41.00 -9.89
CA PRO A 223 11.73 41.15 -9.63
C PRO A 223 11.97 42.06 -8.43
N LYS A 224 13.05 41.77 -7.71
CA LYS A 224 13.38 42.50 -6.49
C LYS A 224 14.57 43.43 -6.70
N VAL B 3 9.08 -15.02 2.42
CA VAL B 3 9.74 -13.73 2.52
C VAL B 3 10.48 -13.47 1.21
N LEU B 4 10.16 -12.35 0.57
CA LEU B 4 10.74 -11.97 -0.71
C LEU B 4 11.71 -10.82 -0.50
N THR B 5 12.95 -11.01 -0.93
CA THR B 5 13.97 -9.96 -0.90
C THR B 5 14.54 -9.79 -2.30
N GLN B 6 14.60 -8.55 -2.77
CA GLN B 6 15.07 -8.24 -4.11
C GLN B 6 16.48 -7.68 -4.07
N SER B 7 17.15 -7.73 -5.21
CA SER B 7 18.50 -7.22 -5.33
C SER B 7 18.78 -6.89 -6.79
N PRO B 8 19.46 -5.78 -7.09
CA PRO B 8 19.95 -4.75 -6.16
C PRO B 8 18.84 -3.82 -5.69
N GLY B 9 19.05 -3.07 -4.61
CA GLY B 9 18.05 -2.09 -4.20
C GLY B 9 17.90 -0.98 -5.22
N THR B 10 19.02 -0.51 -5.78
CA THR B 10 19.01 0.52 -6.81
C THR B 10 19.85 0.05 -7.98
N LEU B 11 19.43 0.40 -9.19
CA LEU B 11 20.11 0.01 -10.42
C LEU B 11 20.22 1.22 -11.33
N SER B 12 21.44 1.54 -11.74
CA SER B 12 21.72 2.72 -12.56
C SER B 12 22.23 2.25 -13.92
N LEU B 13 21.42 2.46 -14.95
CA LEU B 13 21.73 2.00 -16.30
C LEU B 13 21.29 3.04 -17.32
N SER B 14 22.02 3.09 -18.43
CA SER B 14 21.67 3.98 -19.52
C SER B 14 20.61 3.34 -20.41
N PRO B 15 19.81 4.15 -21.11
CA PRO B 15 18.84 3.57 -22.05
C PRO B 15 19.53 2.74 -23.11
N GLY B 16 18.94 1.60 -23.44
CA GLY B 16 19.44 0.73 -24.47
C GLY B 16 20.18 -0.51 -23.99
N GLU B 17 20.51 -0.59 -22.70
CA GLU B 17 21.27 -1.73 -22.19
C GLU B 17 20.38 -2.58 -21.29
N ARG B 18 20.96 -3.71 -20.86
CA ARG B 18 20.21 -4.78 -20.23
C ARG B 18 20.11 -4.58 -18.73
N ALA B 19 18.93 -4.86 -18.18
CA ALA B 19 18.67 -4.77 -16.74
C ALA B 19 18.27 -6.15 -16.22
N THR B 20 18.92 -6.59 -15.16
CA THR B 20 18.64 -7.87 -14.53
C THR B 20 18.25 -7.63 -13.07
N LEU B 21 17.05 -8.05 -12.70
CA LEU B 21 16.53 -7.87 -11.35
C LEU B 21 16.29 -9.24 -10.73
N SER B 22 16.57 -9.34 -9.43
CA SER B 22 16.50 -10.61 -8.73
C SER B 22 15.47 -10.56 -7.63
N CYS B 23 14.88 -11.71 -7.33
CA CYS B 23 13.89 -11.86 -6.26
C CYS B 23 14.01 -13.27 -5.71
N ARG B 24 14.36 -13.39 -4.44
CA ARG B 24 14.59 -14.68 -3.80
C ARG B 24 13.54 -14.93 -2.72
N ALA B 25 12.85 -16.06 -2.83
CA ALA B 25 11.91 -16.50 -1.81
C ALA B 25 12.64 -17.38 -0.81
N SER B 26 12.48 -17.06 0.48
CA SER B 26 13.32 -17.68 1.51
C SER B 26 12.68 -18.95 2.08
N GLN B 27 11.52 -18.81 2.72
CA GLN B 27 10.86 -19.94 3.37
C GLN B 27 9.78 -20.55 2.46
N THR B 28 10.22 -20.99 1.29
CA THR B 28 9.31 -21.55 0.29
C THR B 28 9.78 -22.94 -0.12
N VAL B 29 8.82 -23.75 -0.59
CA VAL B 29 9.15 -25.04 -1.18
C VAL B 29 9.42 -24.92 -2.67
N GLY B 30 9.06 -23.82 -3.30
CA GLY B 30 9.34 -23.60 -4.71
C GLY B 30 8.14 -23.83 -5.61
N SER B 31 7.49 -22.74 -6.02
CA SER B 31 6.41 -22.79 -6.98
C SER B 31 6.56 -21.63 -7.95
N SER B 32 6.06 -21.83 -9.16
CA SER B 32 6.13 -20.81 -10.21
C SER B 32 5.15 -19.67 -10.01
N TYR B 33 4.50 -19.59 -8.85
CA TYR B 33 3.50 -18.54 -8.57
C TYR B 33 4.21 -17.26 -8.12
N LEU B 34 4.86 -16.61 -9.09
CA LEU B 34 5.52 -15.34 -8.87
C LEU B 34 4.98 -14.32 -9.86
N ALA B 35 4.95 -13.05 -9.43
CA ALA B 35 4.51 -11.97 -10.30
C ALA B 35 5.47 -10.79 -10.18
N TRP B 36 5.70 -10.10 -11.29
CA TRP B 36 6.49 -8.89 -11.33
C TRP B 36 5.59 -7.71 -11.66
N TYR B 37 5.79 -6.60 -10.98
CA TYR B 37 5.02 -5.38 -11.19
C TYR B 37 5.96 -4.21 -11.48
N GLN B 38 5.48 -3.27 -12.28
CA GLN B 38 6.15 -2.00 -12.50
C GLN B 38 5.31 -0.89 -11.87
N GLN B 39 5.98 0.04 -11.20
CA GLN B 39 5.27 1.18 -10.62
C GLN B 39 6.05 2.46 -10.87
N LYS B 40 5.36 3.45 -11.41
CA LYS B 40 5.85 4.81 -11.61
C LYS B 40 5.26 5.73 -10.56
N PRO B 41 5.92 6.86 -10.27
CA PRO B 41 5.41 7.75 -9.22
C PRO B 41 3.98 8.21 -9.51
N GLY B 42 3.16 8.21 -8.46
CA GLY B 42 1.78 8.64 -8.57
C GLY B 42 0.86 7.67 -9.27
N GLN B 43 1.28 6.43 -9.48
CA GLN B 43 0.47 5.45 -10.20
C GLN B 43 0.43 4.14 -9.43
N ALA B 44 -0.64 3.38 -9.65
CA ALA B 44 -0.76 2.05 -9.10
C ALA B 44 0.19 1.10 -9.82
N PRO B 45 0.54 -0.02 -9.19
CA PRO B 45 1.39 -1.00 -9.88
C PRO B 45 0.72 -1.56 -11.13
N ARG B 46 1.55 -1.90 -12.12
CA ARG B 46 1.13 -2.49 -13.38
C ARG B 46 1.73 -3.89 -13.48
N LEU B 47 0.87 -4.88 -13.72
CA LEU B 47 1.34 -6.25 -13.83
C LEU B 47 2.15 -6.44 -15.11
N LEU B 48 3.34 -7.01 -14.98
CA LEU B 48 4.22 -7.29 -16.11
C LEU B 48 4.34 -8.78 -16.39
N ILE B 49 4.69 -9.56 -15.36
CA ILE B 49 4.89 -11.00 -15.48
C ILE B 49 3.99 -11.69 -14.47
N TYR B 50 3.26 -12.70 -14.91
CA TYR B 50 2.56 -13.61 -14.02
C TYR B 50 3.09 -15.01 -14.26
N GLY B 51 3.09 -15.81 -13.21
CA GLY B 51 3.85 -17.03 -13.27
C GLY B 51 5.34 -16.69 -13.29
N ALA B 52 6.15 -17.74 -13.45
CA ALA B 52 7.59 -17.51 -13.50
C ALA B 52 7.97 -16.68 -14.72
N SER B 53 7.35 -16.95 -15.86
CA SER B 53 7.88 -16.48 -17.13
C SER B 53 6.84 -15.99 -18.13
N SER B 54 5.58 -15.81 -17.74
CA SER B 54 4.53 -15.46 -18.69
C SER B 54 4.27 -13.96 -18.66
N ARG B 55 4.38 -13.32 -19.81
CA ARG B 55 4.10 -11.89 -19.91
C ARG B 55 2.60 -11.64 -19.78
N ALA B 56 2.25 -10.55 -19.10
CA ALA B 56 0.87 -10.12 -19.07
C ALA B 56 0.45 -9.63 -20.45
N THR B 57 -0.87 -9.45 -20.61
CA THR B 57 -1.41 -9.05 -21.91
C THR B 57 -0.81 -7.71 -22.35
N GLY B 58 -0.24 -7.70 -23.56
CA GLY B 58 0.28 -6.49 -24.17
C GLY B 58 1.64 -6.05 -23.71
N ILE B 59 2.28 -6.78 -22.79
CA ILE B 59 3.60 -6.38 -22.30
C ILE B 59 4.62 -6.55 -23.43
N PRO B 60 5.46 -5.55 -23.69
CA PRO B 60 6.41 -5.66 -24.81
C PRO B 60 7.44 -6.76 -24.61
N ASP B 61 8.06 -7.14 -25.73
CA ASP B 61 8.92 -8.31 -25.77
C ASP B 61 10.17 -8.18 -24.90
N ARG B 62 10.60 -6.96 -24.59
CA ARG B 62 11.85 -6.79 -23.87
C ARG B 62 11.77 -7.25 -22.41
N PHE B 63 10.57 -7.41 -21.86
CA PHE B 63 10.39 -7.90 -20.51
C PHE B 63 10.29 -9.42 -20.52
N SER B 64 11.09 -10.08 -19.68
CA SER B 64 11.01 -11.52 -19.57
C SER B 64 11.30 -11.93 -18.14
N GLY B 65 10.74 -13.08 -17.73
CA GLY B 65 10.99 -13.61 -16.42
C GLY B 65 11.44 -15.06 -16.51
N SER B 66 12.12 -15.50 -15.46
CA SER B 66 12.63 -16.86 -15.41
C SER B 66 13.03 -17.16 -13.96
N GLY B 67 13.58 -18.35 -13.76
CA GLY B 67 14.01 -18.77 -12.44
C GLY B 67 13.24 -19.98 -11.94
N SER B 68 13.93 -20.87 -11.23
CA SER B 68 13.32 -22.07 -10.67
C SER B 68 13.67 -22.18 -9.20
N GLY B 69 12.73 -22.72 -8.43
CA GLY B 69 12.94 -22.90 -7.00
C GLY B 69 12.80 -21.63 -6.21
N THR B 70 13.90 -21.13 -5.66
CA THR B 70 13.88 -19.93 -4.84
C THR B 70 14.39 -18.69 -5.55
N ASP B 71 15.09 -18.85 -6.67
CA ASP B 71 15.65 -17.72 -7.41
C ASP B 71 14.75 -17.35 -8.58
N PHE B 72 14.53 -16.05 -8.74
CA PHE B 72 13.72 -15.54 -9.84
C PHE B 72 14.37 -14.29 -10.42
N THR B 73 14.25 -14.12 -11.74
CA THR B 73 14.89 -13.02 -12.44
C THR B 73 13.90 -12.35 -13.37
N LEU B 74 13.89 -11.02 -13.36
CA LEU B 74 13.21 -10.21 -14.36
C LEU B 74 14.26 -9.52 -15.20
N THR B 75 14.16 -9.67 -16.52
CA THR B 75 15.12 -9.12 -17.45
C THR B 75 14.44 -8.13 -18.38
N ILE B 76 15.03 -6.94 -18.53
CA ILE B 76 14.66 -5.98 -19.56
C ILE B 76 15.80 -5.96 -20.56
N SER B 77 15.59 -6.55 -21.73
CA SER B 77 16.68 -6.79 -22.67
C SER B 77 17.31 -5.49 -23.15
N ARG B 78 16.48 -4.49 -23.48
CA ARG B 78 16.97 -3.20 -23.93
C ARG B 78 16.07 -2.11 -23.33
N LEU B 79 16.63 -1.35 -22.39
CA LEU B 79 15.83 -0.39 -21.63
C LEU B 79 15.34 0.75 -22.51
N GLU B 80 14.05 1.01 -22.47
CA GLU B 80 13.44 2.19 -23.05
C GLU B 80 13.30 3.28 -22.00
N PRO B 81 13.15 4.54 -22.40
CA PRO B 81 13.09 5.62 -21.39
C PRO B 81 11.94 5.45 -20.40
N GLU B 82 10.85 4.83 -20.80
CA GLU B 82 9.71 4.64 -19.91
C GLU B 82 9.87 3.45 -18.97
N ASP B 83 10.94 2.67 -19.11
CA ASP B 83 11.14 1.53 -18.22
C ASP B 83 11.79 1.89 -16.90
N PHE B 84 12.24 3.13 -16.74
CA PHE B 84 12.95 3.52 -15.52
C PHE B 84 11.93 3.87 -14.45
N ALA B 85 11.72 2.92 -13.54
CA ALA B 85 10.70 3.00 -12.50
C ALA B 85 11.08 2.04 -11.39
N VAL B 86 10.13 1.76 -10.50
CA VAL B 86 10.32 0.80 -9.43
C VAL B 86 9.65 -0.51 -9.81
N TYR B 87 10.28 -1.63 -9.43
CA TYR B 87 9.77 -2.95 -9.75
C TYR B 87 9.64 -3.77 -8.48
N TYR B 88 8.54 -4.50 -8.37
CA TYR B 88 8.27 -5.37 -7.23
C TYR B 88 8.03 -6.79 -7.70
N CYS B 89 8.44 -7.75 -6.87
CA CYS B 89 8.01 -9.13 -7.06
C CYS B 89 6.98 -9.48 -6.00
N GLN B 90 6.19 -10.51 -6.29
CA GLN B 90 5.09 -10.91 -5.42
C GLN B 90 4.93 -12.42 -5.48
N GLN B 91 4.63 -13.01 -4.32
CA GLN B 91 4.30 -14.43 -4.22
C GLN B 91 3.24 -14.56 -3.13
N TYR B 92 2.03 -14.94 -3.54
CA TYR B 92 0.86 -14.95 -2.65
C TYR B 92 0.70 -13.53 -2.12
N GLU B 93 0.64 -13.31 -0.81
CA GLU B 93 0.44 -11.97 -0.26
C GLU B 93 1.75 -11.24 0.02
N ALA B 94 2.89 -11.86 -0.25
CA ALA B 94 4.19 -11.25 0.03
C ALA B 94 4.65 -10.41 -1.15
N PHE B 95 5.20 -9.24 -0.84
CA PHE B 95 5.82 -8.37 -1.83
C PHE B 95 7.29 -8.18 -1.47
N GLY B 96 8.15 -8.12 -2.49
CA GLY B 96 9.51 -7.70 -2.28
C GLY B 96 9.60 -6.22 -1.97
N GLN B 97 10.75 -5.80 -1.44
CA GLN B 97 10.90 -4.41 -1.04
C GLN B 97 11.09 -3.46 -2.21
N GLY B 98 11.31 -3.97 -3.40
CA GLY B 98 11.34 -3.12 -4.58
C GLY B 98 12.75 -2.83 -5.07
N THR B 99 12.87 -2.64 -6.38
CA THR B 99 14.12 -2.25 -7.03
C THR B 99 13.84 -1.05 -7.91
N LYS B 100 14.59 0.03 -7.71
CA LYS B 100 14.43 1.25 -8.50
C LYS B 100 15.48 1.28 -9.60
N VAL B 101 15.04 1.48 -10.83
CA VAL B 101 15.92 1.55 -12.00
C VAL B 101 15.93 2.99 -12.47
N GLU B 102 17.12 3.61 -12.48
CA GLU B 102 17.27 5.01 -12.83
C GLU B 102 18.23 5.17 -14.00
N ILE B 103 18.11 6.31 -14.68
CA ILE B 103 18.86 6.56 -15.90
C ILE B 103 20.27 6.99 -15.55
N LYS B 104 21.26 6.20 -15.96
CA LYS B 104 22.65 6.60 -15.85
C LYS B 104 22.98 7.59 -16.96
N ARG B 105 23.63 8.69 -16.60
CA ARG B 105 24.06 9.67 -17.58
C ARG B 105 25.38 10.28 -17.11
N THR B 106 25.87 11.27 -17.85
CA THR B 106 27.12 11.92 -17.50
C THR B 106 26.93 12.86 -16.31
N VAL B 107 28.03 13.14 -15.62
CA VAL B 107 27.99 14.04 -14.48
C VAL B 107 27.68 15.45 -14.97
N ALA B 108 26.72 16.11 -14.30
CA ALA B 108 26.35 17.48 -14.62
C ALA B 108 26.36 18.31 -13.34
N ALA B 109 26.93 19.52 -13.44
CA ALA B 109 27.01 20.40 -12.27
C ALA B 109 25.72 21.20 -12.12
N PRO B 110 25.28 21.44 -10.88
CA PRO B 110 24.05 22.20 -10.68
C PRO B 110 24.24 23.70 -10.88
N SER B 111 23.16 24.35 -11.28
CA SER B 111 23.06 25.81 -11.22
C SER B 111 22.46 26.17 -9.87
N VAL B 112 23.22 26.89 -9.05
CA VAL B 112 22.85 27.15 -7.66
C VAL B 112 22.33 28.58 -7.55
N PHE B 113 21.13 28.72 -6.98
CA PHE B 113 20.52 30.01 -6.70
C PHE B 113 20.11 30.07 -5.24
N ILE B 114 20.15 31.26 -4.66
CA ILE B 114 19.74 31.46 -3.28
C ILE B 114 18.71 32.59 -3.24
N PHE B 115 17.68 32.41 -2.43
CA PHE B 115 16.58 33.36 -2.31
C PHE B 115 16.47 33.84 -0.88
N PRO B 116 16.55 35.15 -0.62
CA PRO B 116 16.29 35.66 0.73
C PRO B 116 14.82 35.49 1.08
N PRO B 117 14.48 35.54 2.37
CA PRO B 117 13.07 35.57 2.75
C PRO B 117 12.40 36.81 2.17
N SER B 118 11.14 36.65 1.76
CA SER B 118 10.38 37.80 1.32
C SER B 118 9.97 38.65 2.52
N ASP B 119 9.73 39.95 2.25
CA ASP B 119 9.30 40.83 3.32
C ASP B 119 7.93 40.42 3.86
N GLU B 120 7.07 39.87 3.01
CA GLU B 120 5.75 39.44 3.47
C GLU B 120 5.86 38.35 4.53
N GLN B 121 6.72 37.36 4.31
CA GLN B 121 6.90 36.32 5.31
C GLN B 121 7.53 36.88 6.58
N LEU B 122 8.45 37.83 6.44
CA LEU B 122 9.10 38.40 7.61
C LEU B 122 8.11 39.05 8.56
N LYS B 123 7.03 39.64 8.02
CA LYS B 123 6.03 40.26 8.88
C LYS B 123 5.33 39.23 9.77
N SER B 124 5.40 37.95 9.45
CA SER B 124 4.83 36.90 10.28
C SER B 124 5.80 36.38 11.33
N GLY B 125 7.03 36.90 11.37
CA GLY B 125 7.99 36.52 12.38
C GLY B 125 8.86 35.32 12.04
N THR B 126 8.75 34.78 10.83
CA THR B 126 9.54 33.64 10.40
C THR B 126 10.24 33.98 9.09
N ALA B 127 11.49 33.52 8.95
CA ALA B 127 12.29 33.75 7.76
C ALA B 127 12.67 32.40 7.16
N SER B 128 12.33 32.20 5.89
CA SER B 128 12.73 31.01 5.14
C SER B 128 13.69 31.42 4.03
N VAL B 129 14.86 30.78 4.00
CA VAL B 129 15.86 31.00 2.96
C VAL B 129 15.89 29.74 2.10
N VAL B 130 15.82 29.91 0.78
CA VAL B 130 15.70 28.81 -0.15
C VAL B 130 16.95 28.74 -1.02
N CYS B 131 17.54 27.54 -1.11
CA CYS B 131 18.68 27.25 -1.97
C CYS B 131 18.24 26.27 -3.05
N LEU B 132 18.50 26.61 -4.31
CA LEU B 132 18.05 25.82 -5.45
C LEU B 132 19.25 25.22 -6.18
N LEU B 133 19.25 23.89 -6.32
CA LEU B 133 20.22 23.17 -7.13
C LEU B 133 19.49 22.69 -8.38
N ASN B 134 19.85 23.24 -9.53
CA ASN B 134 19.10 23.05 -10.76
C ASN B 134 19.86 22.11 -11.69
N ASN B 135 19.24 20.98 -12.04
CA ASN B 135 19.63 20.14 -13.18
C ASN B 135 21.08 19.65 -13.05
N PHE B 136 21.29 18.79 -12.05
CA PHE B 136 22.57 18.17 -11.81
C PHE B 136 22.45 16.65 -11.84
N TYR B 137 23.62 15.99 -11.91
CA TYR B 137 23.71 14.54 -11.84
C TYR B 137 25.10 14.19 -11.39
N PRO B 138 25.29 13.17 -10.54
CA PRO B 138 24.30 12.25 -9.97
C PRO B 138 23.46 12.87 -8.84
N ARG B 139 22.56 12.06 -8.28
CA ARG B 139 21.62 12.56 -7.28
C ARG B 139 22.33 13.04 -6.02
N GLU B 140 23.49 12.46 -5.70
CA GLU B 140 24.16 12.77 -4.45
C GLU B 140 24.76 14.17 -4.49
N ALA B 141 24.36 15.00 -3.53
CA ALA B 141 24.90 16.35 -3.41
C ALA B 141 24.84 16.77 -1.95
N LYS B 142 25.89 17.42 -1.48
CA LYS B 142 25.97 17.88 -0.10
C LYS B 142 25.65 19.37 -0.06
N VAL B 143 24.57 19.71 0.64
CA VAL B 143 24.11 21.09 0.77
C VAL B 143 24.27 21.50 2.23
N GLN B 144 25.05 22.55 2.46
CA GLN B 144 25.27 23.10 3.80
C GLN B 144 24.84 24.55 3.82
N TRP B 145 24.18 24.94 4.91
CA TRP B 145 23.84 26.33 5.16
C TRP B 145 24.88 26.96 6.07
N LYS B 146 25.26 28.19 5.76
CA LYS B 146 26.19 28.96 6.57
C LYS B 146 25.62 30.34 6.81
N VAL B 147 25.59 30.76 8.07
CA VAL B 147 25.12 32.07 8.48
C VAL B 147 26.29 32.80 9.12
N ASP B 148 26.66 33.94 8.56
CA ASP B 148 27.90 34.62 8.90
C ASP B 148 29.07 33.65 8.85
N ASN B 149 29.04 32.78 7.84
CA ASN B 149 30.04 31.73 7.58
C ASN B 149 30.13 30.72 8.71
N ALA B 150 29.08 30.56 9.51
CA ALA B 150 29.04 29.55 10.55
C ALA B 150 28.07 28.44 10.13
N LEU B 151 28.53 27.20 10.21
CA LEU B 151 27.76 26.07 9.69
C LEU B 151 26.52 25.83 10.54
N GLN B 152 25.36 25.75 9.89
CA GLN B 152 24.10 25.51 10.55
C GLN B 152 23.84 24.03 10.74
N SER B 153 22.94 23.71 11.68
CA SER B 153 22.56 22.33 11.94
C SER B 153 21.15 22.29 12.49
N GLY B 154 20.38 21.29 12.07
CA GLY B 154 19.07 21.04 12.65
C GLY B 154 18.01 22.07 12.35
N ASN B 155 18.20 22.91 11.34
CA ASN B 155 17.22 23.94 11.02
C ASN B 155 16.99 24.06 9.52
N SER B 156 17.22 22.98 8.77
CA SER B 156 16.98 22.99 7.33
C SER B 156 16.41 21.64 6.90
N GLN B 157 15.66 21.67 5.79
CA GLN B 157 15.15 20.46 5.16
C GLN B 157 15.32 20.60 3.65
N GLU B 158 15.32 19.46 2.97
CA GLU B 158 15.52 19.45 1.53
C GLU B 158 14.68 18.35 0.89
N SER B 159 14.41 18.52 -0.40
CA SER B 159 13.74 17.50 -1.19
C SER B 159 14.31 17.53 -2.61
N VAL B 160 14.16 16.43 -3.32
CA VAL B 160 14.72 16.25 -4.66
C VAL B 160 13.63 15.78 -5.60
N THR B 161 13.59 16.36 -6.79
CA THR B 161 12.65 15.92 -7.82
C THR B 161 13.06 14.56 -8.36
N GLU B 162 12.12 13.91 -9.06
CA GLU B 162 12.45 12.75 -9.86
C GLU B 162 13.29 13.16 -11.07
N GLN B 163 13.92 12.18 -11.71
CA GLN B 163 14.75 12.46 -12.87
C GLN B 163 13.94 13.13 -13.96
N ASP B 164 14.47 14.22 -14.50
CA ASP B 164 13.76 14.98 -15.52
C ASP B 164 13.59 14.15 -16.78
N SER B 165 12.44 14.32 -17.44
CA SER B 165 12.15 13.54 -18.64
C SER B 165 13.04 13.94 -19.81
N LYS B 166 13.53 15.18 -19.82
CA LYS B 166 14.29 15.68 -20.97
C LYS B 166 15.79 15.39 -20.86
N ASP B 167 16.39 15.57 -19.68
CA ASP B 167 17.83 15.41 -19.54
C ASP B 167 18.26 14.42 -18.47
N SER B 168 17.32 13.80 -17.76
CA SER B 168 17.58 12.79 -16.73
C SER B 168 18.37 13.34 -15.55
N THR B 169 18.29 14.64 -15.28
CA THR B 169 18.97 15.22 -14.13
C THR B 169 18.03 15.35 -12.95
N TYR B 170 18.61 15.65 -11.79
CA TYR B 170 17.89 15.92 -10.56
C TYR B 170 17.94 17.40 -10.24
N SER B 171 16.94 17.85 -9.49
CA SER B 171 16.94 19.19 -8.90
C SER B 171 16.64 19.07 -7.42
N LEU B 172 17.29 19.91 -6.62
CA LEU B 172 17.16 19.89 -5.17
C LEU B 172 16.79 21.27 -4.67
N SER B 173 15.90 21.31 -3.69
CA SER B 173 15.54 22.56 -3.01
C SER B 173 15.74 22.36 -1.52
N SER B 174 16.44 23.29 -0.88
CA SER B 174 16.67 23.26 0.55
C SER B 174 16.19 24.56 1.18
N THR B 175 15.50 24.44 2.31
CA THR B 175 14.98 25.61 3.01
C THR B 175 15.61 25.68 4.39
N LEU B 176 16.23 26.83 4.68
CA LEU B 176 16.70 27.16 6.01
C LEU B 176 15.64 28.04 6.68
N THR B 177 15.17 27.62 7.85
CA THR B 177 14.11 28.34 8.55
C THR B 177 14.65 28.90 9.86
N LEU B 178 14.46 30.19 10.06
CA LEU B 178 14.89 30.89 11.27
C LEU B 178 13.76 31.80 11.73
N SER B 179 13.80 32.17 13.01
CA SER B 179 12.93 33.24 13.45
C SER B 179 13.37 34.57 12.83
N LYS B 180 12.45 35.53 12.79
CA LYS B 180 12.82 36.84 12.27
C LYS B 180 13.90 37.49 13.14
N ALA B 181 13.80 37.32 14.46
CA ALA B 181 14.78 37.90 15.36
C ALA B 181 16.17 37.32 15.10
N ASP B 182 16.27 36.00 14.94
CA ASP B 182 17.54 35.38 14.62
C ASP B 182 18.03 35.79 13.23
N TYR B 183 17.11 35.98 12.29
CA TYR B 183 17.50 36.35 10.93
C TYR B 183 18.07 37.76 10.86
N GLU B 184 17.58 38.67 11.70
CA GLU B 184 17.98 40.06 11.63
C GLU B 184 19.22 40.38 12.46
N LYS B 185 19.77 39.40 13.18
CA LYS B 185 21.01 39.60 13.91
C LYS B 185 22.22 39.00 13.20
N HIS B 186 22.08 38.68 11.91
CA HIS B 186 23.17 38.15 11.10
C HIS B 186 23.14 38.80 9.73
N LYS B 187 24.28 38.77 9.05
CA LYS B 187 24.46 39.51 7.80
C LYS B 187 24.52 38.63 6.57
N VAL B 188 25.41 37.65 6.54
CA VAL B 188 25.70 36.87 5.34
C VAL B 188 24.98 35.54 5.43
N TYR B 189 24.20 35.22 4.40
CA TYR B 189 23.52 33.94 4.30
C TYR B 189 23.99 33.25 3.03
N ALA B 190 24.39 31.98 3.17
CA ALA B 190 25.01 31.26 2.06
C ALA B 190 24.64 29.79 2.15
N CYS B 191 24.50 29.16 0.98
CA CYS B 191 24.43 27.70 0.89
C CYS B 191 25.60 27.22 0.05
N GLU B 192 26.29 26.20 0.54
CA GLU B 192 27.45 25.63 -0.12
C GLU B 192 27.09 24.25 -0.65
N VAL B 193 27.35 24.04 -1.93
CA VAL B 193 27.04 22.79 -2.62
C VAL B 193 28.35 22.10 -2.96
N THR B 194 28.56 20.91 -2.42
CA THR B 194 29.76 20.14 -2.66
C THR B 194 29.43 18.93 -3.54
N GLN B 195 30.20 18.75 -4.60
CA GLN B 195 30.00 17.63 -5.52
C GLN B 195 31.33 17.38 -6.24
N GLY B 196 31.97 16.25 -5.92
CA GLY B 196 33.12 15.79 -6.67
C GLY B 196 34.23 16.81 -6.86
N THR B 197 34.94 17.14 -5.77
CA THR B 197 36.07 18.08 -5.78
C THR B 197 35.65 19.47 -6.26
N THR B 198 34.39 19.82 -6.08
CA THR B 198 33.91 21.15 -6.43
C THR B 198 32.91 21.61 -5.38
N SER B 199 33.16 22.78 -4.80
CA SER B 199 32.24 23.43 -3.88
C SER B 199 31.84 24.78 -4.48
N VAL B 200 30.54 25.02 -4.56
CA VAL B 200 29.99 26.29 -5.04
C VAL B 200 29.18 26.90 -3.91
N THR B 201 29.45 28.16 -3.59
CA THR B 201 28.77 28.88 -2.52
C THR B 201 28.08 30.09 -3.11
N LYS B 202 26.75 30.13 -3.02
CA LYS B 202 25.97 31.29 -3.39
C LYS B 202 25.48 31.96 -2.11
N SER B 203 25.63 33.28 -2.03
CA SER B 203 25.33 34.01 -0.82
C SER B 203 24.60 35.30 -1.15
N PHE B 204 24.09 35.95 -0.10
CA PHE B 204 23.55 37.29 -0.20
C PHE B 204 23.77 37.99 1.14
N ASN B 205 23.70 39.31 1.12
CA ASN B 205 23.73 40.11 2.33
C ASN B 205 22.33 40.59 2.64
N ARG B 206 21.91 40.41 3.90
CA ARG B 206 20.52 40.68 4.26
C ARG B 206 20.13 42.13 4.00
N GLY B 207 20.99 43.07 4.34
CA GLY B 207 20.66 44.47 4.15
C GLY B 207 20.50 44.85 2.68
N GLU B 208 21.40 44.36 1.83
CA GLU B 208 21.37 44.69 0.41
C GLU B 208 20.24 43.96 -0.31
N ASP C 1 -19.30 -32.98 30.28
CA ASP C 1 -19.13 -31.58 29.94
C ASP C 1 -19.30 -31.35 28.43
N THR C 2 -20.18 -30.42 28.08
CA THR C 2 -20.54 -30.17 26.70
C THR C 2 -20.37 -28.69 26.36
N ILE C 3 -20.00 -28.43 25.12
CA ILE C 3 -20.03 -27.08 24.57
C ILE C 3 -21.45 -26.78 24.10
N THR C 4 -22.09 -25.81 24.73
CA THR C 4 -23.47 -25.46 24.43
C THR C 4 -23.48 -24.26 23.50
N LEU C 5 -23.76 -24.50 22.22
CA LEU C 5 -23.76 -23.46 21.20
C LEU C 5 -25.11 -22.78 21.14
N PRO C 6 -25.17 -21.45 21.17
CA PRO C 6 -26.44 -20.76 20.95
C PRO C 6 -26.85 -20.86 19.48
N CYS C 7 -28.14 -21.08 19.26
CA CYS C 7 -28.67 -21.27 17.90
C CYS C 7 -29.98 -20.52 17.76
N ARG C 8 -30.25 -20.04 16.55
CA ARG C 8 -31.44 -19.28 16.23
C ARG C 8 -31.80 -19.48 14.76
N PRO C 9 -33.04 -19.91 14.46
CA PRO C 9 -34.11 -20.27 15.39
C PRO C 9 -33.79 -21.58 16.10
N ALA C 10 -34.54 -21.95 17.13
CA ALA C 10 -34.23 -23.14 17.89
C ALA C 10 -34.37 -24.38 17.02
N PRO C 11 -33.32 -25.15 16.80
CA PRO C 11 -33.42 -26.35 15.98
C PRO C 11 -34.18 -27.45 16.69
N PRO C 12 -35.11 -28.12 16.01
CA PRO C 12 -35.83 -29.21 16.66
C PRO C 12 -34.87 -30.33 17.03
N PRO C 13 -35.21 -31.12 18.04
CA PRO C 13 -34.30 -32.20 18.47
C PRO C 13 -33.98 -33.20 17.37
N HIS C 14 -34.87 -33.39 16.40
CA HIS C 14 -34.58 -34.34 15.32
C HIS C 14 -33.62 -33.78 14.28
N CYS C 15 -33.24 -32.51 14.38
CA CYS C 15 -32.22 -31.92 13.51
C CYS C 15 -30.80 -32.17 13.99
N SER C 16 -30.63 -32.90 15.09
CA SER C 16 -29.29 -33.27 15.53
C SER C 16 -28.59 -34.08 14.45
N SER C 17 -27.29 -33.83 14.29
CA SER C 17 -26.53 -34.42 13.19
C SER C 17 -25.23 -35.00 13.71
N ASN C 18 -24.46 -35.56 12.80
CA ASN C 18 -23.10 -36.01 13.06
C ASN C 18 -22.15 -35.14 12.25
N ILE C 19 -21.29 -34.40 12.94
CA ILE C 19 -20.27 -33.60 12.26
C ILE C 19 -19.26 -34.57 11.65
N THR C 20 -19.19 -34.59 10.32
CA THR C 20 -18.28 -35.48 9.62
C THR C 20 -17.05 -34.76 9.08
N GLY C 21 -17.05 -33.43 9.09
CA GLY C 21 -15.89 -32.68 8.64
C GLY C 21 -16.13 -31.20 8.82
N LEU C 22 -15.14 -30.42 8.39
CA LEU C 22 -15.25 -28.97 8.43
C LEU C 22 -14.32 -28.38 7.38
N ILE C 23 -14.45 -27.08 7.17
CA ILE C 23 -13.68 -26.37 6.15
C ILE C 23 -13.06 -25.13 6.79
N LEU C 24 -11.75 -24.97 6.61
CA LEU C 24 -10.97 -23.96 7.30
C LEU C 24 -10.32 -22.99 6.32
N THR C 25 -10.00 -21.80 6.84
CA THR C 25 -9.24 -20.79 6.11
C THR C 25 -8.03 -20.41 6.95
N ARG C 26 -6.85 -20.49 6.35
CA ARG C 26 -5.62 -20.15 7.05
C ARG C 26 -5.41 -18.65 7.07
N GLN C 27 -4.96 -18.14 8.22
CA GLN C 27 -4.74 -16.70 8.39
C GLN C 27 -3.57 -16.23 7.53
N GLY C 28 -3.79 -15.15 6.79
CA GLY C 28 -2.74 -14.59 5.96
C GLY C 28 -1.82 -13.65 6.73
N GLY C 29 -0.70 -13.31 6.09
CA GLY C 29 0.26 -12.39 6.66
C GLY C 29 1.16 -13.00 7.72
N ALA C 33 6.07 -15.58 14.47
CA ALA C 33 5.96 -16.06 15.84
C ALA C 33 5.88 -17.58 15.89
N ASN C 34 6.12 -18.21 14.73
CA ASN C 34 6.10 -19.67 14.60
C ASN C 34 4.76 -20.25 15.06
N THR C 35 3.67 -19.63 14.60
CA THR C 35 2.33 -20.15 14.82
C THR C 35 1.55 -20.07 13.51
N VAL C 36 0.61 -20.99 13.34
CA VAL C 36 -0.27 -20.99 12.18
C VAL C 36 -1.70 -20.95 12.67
N ILE C 37 -2.47 -19.99 12.16
CA ILE C 37 -3.81 -19.69 12.65
C ILE C 37 -4.83 -20.13 11.61
N PHE C 38 -5.89 -20.79 12.07
CA PHE C 38 -6.98 -21.23 11.21
C PHE C 38 -8.30 -20.76 11.78
N ARG C 39 -9.24 -20.46 10.90
CA ARG C 39 -10.57 -20.02 11.23
C ARG C 39 -11.57 -20.81 10.40
N PRO C 40 -12.82 -20.93 10.86
CA PRO C 40 -13.84 -21.55 10.01
C PRO C 40 -13.99 -20.78 8.71
N SER C 41 -14.09 -21.51 7.61
CA SER C 41 -14.12 -20.87 6.30
C SER C 41 -15.40 -20.04 6.16
N GLY C 42 -15.23 -18.83 5.62
CA GLY C 42 -16.37 -17.99 5.31
C GLY C 42 -16.74 -18.09 3.85
N GLY C 43 -16.26 -19.12 3.17
CA GLY C 43 -16.48 -19.24 1.74
C GLY C 43 -17.92 -19.55 1.39
N ASP C 44 -18.25 -19.33 0.12
CA ASP C 44 -19.62 -19.48 -0.36
C ASP C 44 -19.95 -20.96 -0.60
N TRP C 45 -21.16 -21.20 -1.10
CA TRP C 45 -21.65 -22.56 -1.26
C TRP C 45 -20.81 -23.36 -2.25
N ARG C 46 -20.43 -22.73 -3.37
CA ARG C 46 -19.61 -23.43 -4.36
C ARG C 46 -18.26 -23.82 -3.78
N ASP C 47 -17.65 -22.95 -2.97
CA ASP C 47 -16.39 -23.26 -2.33
C ASP C 47 -16.54 -24.45 -1.38
N ILE C 48 -17.64 -24.49 -0.63
CA ILE C 48 -17.88 -25.60 0.29
C ILE C 48 -18.06 -26.90 -0.48
N ALA C 49 -18.79 -26.86 -1.60
CA ALA C 49 -19.08 -28.08 -2.35
C ALA C 49 -17.83 -28.73 -2.91
N ARG C 50 -16.78 -27.95 -3.18
CA ARG C 50 -15.58 -28.49 -3.79
C ARG C 50 -14.86 -29.49 -2.87
N CYS C 51 -15.13 -29.46 -1.57
CA CYS C 51 -14.52 -30.43 -0.67
C CYS C 51 -14.97 -31.86 -0.99
N GLN C 52 -16.16 -32.01 -1.58
CA GLN C 52 -16.69 -33.31 -2.01
C GLN C 52 -16.71 -34.32 -0.87
N ILE C 53 -17.07 -33.85 0.32
CA ILE C 53 -17.29 -34.73 1.47
C ILE C 53 -18.65 -34.50 2.13
N ALA C 54 -19.49 -33.65 1.57
CA ALA C 54 -20.81 -33.40 2.11
C ALA C 54 -21.79 -34.50 1.67
N GLY C 55 -22.93 -34.53 2.34
CA GLY C 55 -24.02 -35.39 1.93
C GLY C 55 -25.17 -34.57 1.38
N THR C 56 -26.40 -34.97 1.65
CA THR C 56 -27.55 -34.22 1.17
C THR C 56 -27.80 -32.95 1.99
N VAL C 57 -27.24 -32.85 3.19
CA VAL C 57 -27.49 -31.70 4.06
C VAL C 57 -26.54 -30.56 3.67
N VAL C 58 -27.10 -29.37 3.53
CA VAL C 58 -26.32 -28.17 3.18
C VAL C 58 -25.97 -27.43 4.47
N SER C 59 -24.68 -27.13 4.65
CA SER C 59 -24.25 -26.48 5.87
C SER C 59 -22.94 -25.72 5.63
N THR C 60 -22.61 -24.84 6.57
CA THR C 60 -21.41 -24.02 6.50
C THR C 60 -20.51 -24.29 7.72
N GLN C 61 -19.20 -24.22 7.46
CA GLN C 61 -18.11 -24.32 8.44
C GLN C 61 -17.96 -25.73 8.99
N LEU C 62 -18.94 -26.58 8.71
CA LEU C 62 -19.01 -27.90 9.33
C LEU C 62 -19.92 -28.75 8.45
N PHE C 63 -19.38 -29.86 7.95
CA PHE C 63 -20.19 -30.78 7.16
C PHE C 63 -21.03 -31.65 8.10
N LEU C 64 -22.34 -31.60 7.92
CA LEU C 64 -23.27 -32.38 8.73
C LEU C 64 -23.80 -33.55 7.91
N ASN C 65 -23.74 -34.75 8.50
CA ASN C 65 -24.29 -35.96 7.88
C ASN C 65 -23.61 -36.25 6.54
N GLY C 66 -22.30 -36.03 6.48
CA GLY C 66 -21.52 -36.28 5.29
C GLY C 66 -20.70 -37.55 5.39
N SER C 67 -19.63 -37.62 4.61
CA SER C 67 -18.78 -38.79 4.55
C SER C 67 -17.64 -38.68 5.56
N LEU C 68 -17.13 -39.83 5.97
CA LEU C 68 -16.05 -39.91 6.95
C LEU C 68 -14.86 -40.64 6.33
N ALA C 69 -13.67 -40.24 6.76
CA ALA C 69 -12.46 -40.94 6.37
C ALA C 69 -12.41 -42.32 7.03
N GLU C 70 -11.48 -43.15 6.58
CA GLU C 70 -11.42 -44.54 7.03
C GLU C 70 -10.82 -44.67 8.42
N GLU C 71 -9.55 -44.29 8.57
CA GLU C 71 -8.81 -44.53 9.80
C GLU C 71 -8.42 -43.25 10.55
N GLU C 72 -7.97 -42.21 9.85
CA GLU C 72 -7.52 -40.99 10.49
C GLU C 72 -8.08 -39.78 9.76
N VAL C 73 -7.92 -38.62 10.39
CA VAL C 73 -8.32 -37.36 9.78
C VAL C 73 -7.51 -37.12 8.51
N VAL C 74 -8.20 -36.70 7.45
CA VAL C 74 -7.57 -36.38 6.18
C VAL C 74 -7.84 -34.92 5.87
N ILE C 75 -6.77 -34.18 5.58
CA ILE C 75 -6.87 -32.77 5.22
C ILE C 75 -6.43 -32.61 3.77
N ARG C 76 -7.20 -31.84 3.01
CA ARG C 76 -6.97 -31.66 1.59
C ARG C 76 -7.00 -30.17 1.25
N SER C 77 -6.13 -29.77 0.33
CA SER C 77 -6.11 -28.38 -0.12
C SER C 77 -5.52 -28.32 -1.52
N GLU C 78 -6.10 -27.44 -2.36
CA GLU C 78 -5.57 -27.23 -3.70
C GLU C 78 -4.15 -26.66 -3.64
N ASP C 79 -3.89 -25.82 -2.65
CA ASP C 79 -2.57 -25.19 -2.50
C ASP C 79 -2.40 -24.83 -1.03
N TRP C 80 -1.54 -25.56 -0.34
CA TRP C 80 -1.35 -25.33 1.10
C TRP C 80 -0.78 -23.95 1.40
N ARG C 81 0.00 -23.39 0.47
CA ARG C 81 0.62 -22.09 0.68
C ARG C 81 -0.25 -20.93 0.23
N ASP C 82 -1.47 -21.19 -0.21
CA ASP C 82 -2.39 -20.17 -0.70
C ASP C 82 -3.50 -20.02 0.34
N ASN C 83 -3.47 -18.89 1.07
CA ASN C 83 -4.47 -18.68 2.12
C ASN C 83 -5.85 -18.39 1.57
N ALA C 84 -5.98 -18.16 0.26
CA ALA C 84 -7.28 -18.02 -0.37
C ALA C 84 -7.91 -19.35 -0.77
N LYS C 85 -7.20 -20.46 -0.55
CA LYS C 85 -7.72 -21.79 -0.83
C LYS C 85 -8.13 -22.47 0.47
N SER C 86 -9.36 -22.96 0.51
CA SER C 86 -9.87 -23.59 1.72
C SER C 86 -9.11 -24.89 2.02
N ILE C 87 -9.15 -25.28 3.28
CA ILE C 87 -8.61 -26.56 3.74
C ILE C 87 -9.80 -27.43 4.14
N CYS C 88 -10.01 -28.50 3.39
CA CYS C 88 -11.10 -29.43 3.68
C CYS C 88 -10.61 -30.50 4.65
N VAL C 89 -11.29 -30.63 5.78
CA VAL C 89 -10.94 -31.60 6.81
C VAL C 89 -12.03 -32.65 6.87
N GLN C 90 -11.66 -33.91 6.70
CA GLN C 90 -12.57 -35.03 6.79
C GLN C 90 -12.23 -35.85 8.03
N LEU C 91 -13.19 -36.00 8.92
CA LEU C 91 -12.97 -36.73 10.16
C LEU C 91 -13.10 -38.23 9.93
N ALA C 92 -12.29 -39.00 10.65
CA ALA C 92 -12.43 -40.45 10.64
C ALA C 92 -13.62 -40.90 11.48
N THR C 93 -13.84 -40.25 12.62
CA THR C 93 -14.97 -40.53 13.49
C THR C 93 -15.80 -39.26 13.66
N SER C 94 -17.11 -39.39 13.53
CA SER C 94 -17.99 -38.22 13.57
C SER C 94 -18.14 -37.70 15.00
N VAL C 95 -18.63 -36.48 15.11
CA VAL C 95 -18.86 -35.81 16.39
C VAL C 95 -20.30 -35.35 16.42
N GLU C 96 -21.09 -35.92 17.34
CA GLU C 96 -22.51 -35.60 17.38
C GLU C 96 -22.74 -34.18 17.89
N ILE C 97 -23.72 -33.50 17.27
CA ILE C 97 -24.19 -32.21 17.73
C ILE C 97 -25.68 -32.38 18.01
N ALA C 98 -26.04 -32.51 19.28
CA ALA C 98 -27.40 -32.81 19.70
C ALA C 98 -28.11 -31.53 20.05
N CYS C 99 -29.20 -31.24 19.35
CA CYS C 99 -29.96 -30.02 19.57
C CYS C 99 -31.11 -30.29 20.53
N THR C 100 -31.22 -29.45 21.57
CA THR C 100 -32.22 -29.64 22.60
C THR C 100 -33.62 -29.21 22.16
N GLY C 101 -33.72 -28.33 21.17
CA GLY C 101 -34.98 -27.70 20.83
C GLY C 101 -35.30 -26.47 21.64
N ALA C 102 -34.40 -26.05 22.53
CA ALA C 102 -34.61 -24.88 23.38
C ALA C 102 -33.67 -23.73 23.00
N GLY C 103 -33.21 -23.70 21.75
CA GLY C 103 -32.30 -22.67 21.29
C GLY C 103 -30.84 -22.99 21.42
N HIS C 104 -30.48 -24.24 21.74
CA HIS C 104 -29.09 -24.62 21.89
C HIS C 104 -28.86 -25.98 21.22
N CYS C 105 -27.65 -26.18 20.74
CA CYS C 105 -27.18 -27.48 20.28
C CYS C 105 -25.85 -27.75 20.96
N ALA C 106 -25.69 -28.97 21.47
CA ALA C 106 -24.58 -29.30 22.35
C ALA C 106 -23.65 -30.32 21.70
N ILE C 107 -22.36 -30.21 22.05
CA ILE C 107 -21.31 -31.06 21.52
C ILE C 107 -20.42 -31.48 22.69
N SER C 108 -20.00 -32.74 22.71
CA SER C 108 -19.09 -33.21 23.74
C SER C 108 -17.77 -32.43 23.67
N ARG C 109 -17.47 -31.68 24.74
CA ARG C 109 -16.26 -30.85 24.73
C ARG C 109 -15.01 -31.71 24.63
N ALA C 110 -14.97 -32.82 25.37
CA ALA C 110 -13.80 -33.71 25.30
C ALA C 110 -13.65 -34.32 23.91
N LYS C 111 -14.77 -34.69 23.29
CA LYS C 111 -14.69 -35.22 21.93
C LYS C 111 -14.21 -34.15 20.95
N TRP C 112 -14.74 -32.93 21.07
CA TRP C 112 -14.34 -31.87 20.16
C TRP C 112 -12.87 -31.50 20.33
N ALA C 113 -12.40 -31.45 21.58
CA ALA C 113 -10.99 -31.16 21.83
C ALA C 113 -10.10 -32.25 21.26
N ASN C 114 -10.50 -33.52 21.39
CA ASN C 114 -9.75 -34.60 20.78
C ASN C 114 -9.76 -34.50 19.26
N THR C 115 -10.91 -34.10 18.69
CA THR C 115 -10.98 -33.90 17.24
C THR C 115 -10.04 -32.80 16.79
N LEU C 116 -10.10 -31.64 17.47
CA LEU C 116 -9.21 -30.53 17.13
C LEU C 116 -7.75 -30.91 17.30
N LYS C 117 -7.44 -31.75 18.29
CA LYS C 117 -6.06 -32.19 18.48
C LYS C 117 -5.59 -33.02 17.30
N GLN C 118 -6.45 -33.90 16.78
CA GLN C 118 -6.08 -34.67 15.60
C GLN C 118 -5.92 -33.77 14.38
N ILE C 119 -6.83 -32.81 14.21
CA ILE C 119 -6.70 -31.87 13.09
C ILE C 119 -5.40 -31.09 13.20
N ALA C 120 -5.06 -30.62 14.40
CA ALA C 120 -3.82 -29.90 14.60
C ALA C 120 -2.61 -30.78 14.31
N SER C 121 -2.70 -32.07 14.61
CA SER C 121 -1.59 -32.98 14.29
C SER C 121 -1.40 -33.10 12.78
N LYS C 122 -2.48 -33.23 12.03
CA LYS C 122 -2.37 -33.30 10.57
C LYS C 122 -1.89 -31.98 9.99
N LEU C 123 -2.36 -30.86 10.55
CA LEU C 123 -1.87 -29.56 10.09
C LEU C 123 -0.40 -29.36 10.43
N ARG C 124 0.06 -29.92 11.55
CA ARG C 124 1.47 -29.78 11.92
C ARG C 124 2.37 -30.51 10.95
N GLU C 125 1.99 -31.71 10.51
CA GLU C 125 2.81 -32.43 9.55
C GLU C 125 2.72 -31.82 8.15
N GLN C 126 1.74 -30.95 7.91
CA GLN C 126 1.61 -30.31 6.60
C GLN C 126 2.36 -28.98 6.52
N TYR C 127 2.30 -28.17 7.59
CA TYR C 127 2.98 -26.90 7.62
C TYR C 127 4.29 -26.93 8.41
N GLY C 128 4.66 -28.09 8.96
CA GLY C 128 5.91 -28.22 9.68
C GLY C 128 6.06 -27.33 10.88
N ALA C 129 4.95 -26.83 11.43
CA ALA C 129 4.99 -25.84 12.50
C ALA C 129 4.99 -26.53 13.85
N LYS C 130 4.90 -25.74 14.92
CA LYS C 130 4.89 -26.25 16.28
C LYS C 130 3.69 -25.81 17.09
N THR C 131 2.90 -24.85 16.61
CA THR C 131 1.75 -24.34 17.34
C THR C 131 0.62 -24.08 16.36
N ILE C 132 -0.53 -24.71 16.59
CA ILE C 132 -1.72 -24.56 15.76
C ILE C 132 -2.79 -23.87 16.58
N ILE C 133 -3.35 -22.78 16.07
CA ILE C 133 -4.34 -21.97 16.77
C ILE C 133 -5.61 -21.92 15.94
N PHE C 134 -6.74 -22.19 16.58
CA PHE C 134 -8.05 -22.02 15.97
C PHE C 134 -8.70 -20.78 16.55
N LYS C 135 -9.22 -19.92 15.69
CA LYS C 135 -9.83 -18.66 16.06
C LYS C 135 -11.18 -18.53 15.39
N PRO C 136 -12.08 -17.70 15.91
CA PRO C 136 -13.42 -17.58 15.33
C PRO C 136 -13.39 -17.06 13.91
N SER C 137 -14.57 -17.06 13.29
CA SER C 137 -14.73 -16.58 11.92
C SER C 137 -14.36 -15.10 11.83
N SER C 138 -13.67 -14.74 10.74
CA SER C 138 -13.32 -13.34 10.51
C SER C 138 -14.54 -12.50 10.19
N GLY C 139 -15.64 -13.12 9.77
CA GLY C 139 -16.86 -12.42 9.43
C GLY C 139 -17.47 -12.94 8.14
N GLY C 140 -18.53 -12.29 7.73
CA GLY C 140 -19.23 -12.61 6.51
C GLY C 140 -20.73 -12.47 6.73
N ASP C 141 -21.48 -12.94 5.74
CA ASP C 141 -22.93 -12.95 5.85
C ASP C 141 -23.36 -13.90 6.96
N PRO C 142 -24.58 -13.74 7.50
CA PRO C 142 -24.98 -14.55 8.66
C PRO C 142 -24.86 -16.05 8.44
N GLU C 143 -25.15 -16.53 7.23
CA GLU C 143 -25.04 -17.96 6.95
C GLU C 143 -23.60 -18.45 7.00
N PHE C 144 -22.62 -17.56 6.80
CA PHE C 144 -21.23 -17.97 6.73
C PHE C 144 -20.40 -17.58 7.94
N VAL C 145 -20.75 -16.49 8.63
CA VAL C 145 -20.06 -16.17 9.88
C VAL C 145 -20.48 -17.16 10.97
N ASN C 146 -21.71 -17.64 10.93
CA ASN C 146 -22.20 -18.67 11.84
C ASN C 146 -22.14 -20.04 11.17
N HIS C 147 -22.10 -21.08 12.00
CA HIS C 147 -22.35 -22.44 11.53
C HIS C 147 -23.83 -22.54 11.20
N SER C 148 -24.15 -22.53 9.91
CA SER C 148 -25.52 -22.59 9.43
C SER C 148 -25.78 -23.92 8.77
N PHE C 149 -27.07 -24.30 8.69
CA PHE C 149 -27.42 -25.55 8.02
C PHE C 149 -28.90 -25.52 7.66
N ASN C 150 -29.26 -26.41 6.74
CA ASN C 150 -30.64 -26.60 6.31
C ASN C 150 -31.15 -27.91 6.90
N CYS C 151 -32.21 -27.83 7.69
CA CYS C 151 -32.86 -29.01 8.26
C CYS C 151 -34.36 -28.93 7.93
N GLY C 152 -34.85 -29.87 7.12
CA GLY C 152 -36.26 -29.91 6.81
C GLY C 152 -36.78 -28.73 6.02
N GLY C 153 -35.91 -28.01 5.32
CA GLY C 153 -36.32 -26.85 4.55
C GLY C 153 -36.19 -25.52 5.27
N GLU C 154 -35.73 -25.52 6.52
CA GLU C 154 -35.57 -24.29 7.29
C GLU C 154 -34.09 -24.10 7.63
N PHE C 155 -33.64 -22.84 7.57
CA PHE C 155 -32.24 -22.51 7.85
C PHE C 155 -32.07 -22.17 9.32
N PHE C 156 -31.04 -22.76 9.94
CA PHE C 156 -30.71 -22.53 11.33
C PHE C 156 -29.30 -21.98 11.43
N TYR C 157 -29.08 -21.08 12.39
CA TYR C 157 -27.79 -20.42 12.56
C TYR C 157 -27.30 -20.66 13.99
N CYS C 158 -26.11 -21.23 14.11
CA CYS C 158 -25.49 -21.50 15.40
C CYS C 158 -24.15 -20.78 15.47
N ALA C 159 -23.94 -20.02 16.54
CA ALA C 159 -22.65 -19.38 16.76
C ALA C 159 -21.58 -20.42 17.04
N SER C 160 -20.48 -20.35 16.31
CA SER C 160 -19.42 -21.35 16.38
C SER C 160 -18.16 -20.84 17.07
N THR C 161 -18.20 -19.64 17.66
CA THR C 161 -16.99 -19.09 18.25
C THR C 161 -16.43 -20.00 19.35
N GLN C 162 -17.29 -20.68 20.10
CA GLN C 162 -16.82 -21.61 21.11
C GLN C 162 -16.10 -22.82 20.51
N LEU C 163 -16.37 -23.16 19.25
CA LEU C 163 -15.75 -24.33 18.64
C LEU C 163 -14.35 -24.05 18.12
N PHE C 164 -14.06 -22.80 17.77
CA PHE C 164 -12.73 -22.42 17.31
C PHE C 164 -12.19 -21.29 18.18
N ALA C 165 -11.70 -21.62 19.37
CA ALA C 165 -10.84 -20.70 20.12
C ALA C 165 -10.00 -21.57 21.07
N SER C 166 -8.80 -21.93 20.60
CA SER C 166 -7.96 -22.85 21.36
C SER C 166 -6.60 -22.99 20.67
N THR C 167 -5.60 -23.34 21.47
CA THR C 167 -4.22 -23.51 21.03
C THR C 167 -3.80 -24.96 21.19
N TRP C 168 -2.91 -25.41 20.31
CA TRP C 168 -2.45 -26.79 20.30
C TRP C 168 -0.97 -26.83 19.94
N PHE C 169 -0.16 -27.41 20.83
CA PHE C 169 1.28 -27.48 20.62
C PHE C 169 1.67 -28.77 19.92
#